data_8EXN
#
_entry.id   8EXN
#
_cell.length_a   88.316
_cell.length_b   88.316
_cell.length_c   131.230
_cell.angle_alpha   90.000
_cell.angle_beta   90.000
_cell.angle_gamma   90.000
#
_symmetry.space_group_name_H-M   'P 43 21 2'
#
loop_
_entity.id
_entity.type
_entity.pdbx_description
1 polymer 'Tyrosine-protein phosphatase non-receptor type 1'
2 polymer 'Non-receptor tyrosine-protein kinase TYK2 activation loop peptide'
3 non-polymer 'PHOSPHATE ION'
4 non-polymer 2-AMINO-2-HYDROXYMETHYL-PROPANE-1,3-DIOL
5 water water
#
loop_
_entity_poly.entity_id
_entity_poly.type
_entity_poly.pdbx_seq_one_letter_code
_entity_poly.pdbx_strand_id
1 'polypeptide(L)'
;MEMEKEFEQIDKSGSWAAIYQDIRHEASDFPCRVAKLPKNKNRNRYRDVSPFDHSRIKLHQEDNDYINASLIKMEEAQRS
YILTQGPLPNTCGHFWEMVWEQKSRGVVMLNRVMEKGSLKCAQYWPQKEEKEMIFEDTNLKLTLISEDIKSYYTVRQLEL
ENLTTQETREILHFHYTTWPAFGVPESPASFLNFLFKVRESGSLSPEHGPVVVHCSAGIGRSGTFCLADTCLLLMDKRKD
PSSVDIKKVLLEMRKFRMGLIATADQLRFSYLAVIEGAKFIMGDSSVQDQWKELSHEDL
;
A
2 'polypeptide(L)' VPEGHEYYRVREDGD D
#
loop_
_chem_comp.id
_chem_comp.type
_chem_comp.name
_chem_comp.formula
PO4 non-polymer 'PHOSPHATE ION' 'O4 P -3'
TRS non-polymer 2-AMINO-2-HYDROXYMETHYL-PROPANE-1,3-DIOL 'C4 H12 N O3 1'
#
# COMPACT_ATOMS: atom_id res chain seq x y z
N GLU A 2 -26.76 0.73 9.34
CA GLU A 2 -25.80 -0.24 9.84
C GLU A 2 -24.52 0.50 10.22
N MET A 3 -23.46 0.22 9.47
CA MET A 3 -22.35 1.15 9.39
C MET A 3 -22.69 2.35 8.52
N GLU A 4 -23.66 2.19 7.60
CA GLU A 4 -24.16 3.30 6.79
C GLU A 4 -24.80 4.38 7.66
N LYS A 5 -25.19 4.04 8.88
CA LYS A 5 -25.67 5.05 9.82
C LYS A 5 -24.56 6.07 10.07
N GLU A 6 -23.50 5.63 10.77
CA GLU A 6 -22.44 6.53 11.20
C GLU A 6 -21.93 7.43 10.08
N PHE A 7 -21.97 6.94 8.83
CA PHE A 7 -21.46 7.74 7.72
C PHE A 7 -22.42 8.84 7.32
N GLU A 8 -23.71 8.50 7.14
CA GLU A 8 -24.70 9.53 6.87
C GLU A 8 -24.68 10.62 7.93
N GLN A 9 -24.39 10.24 9.18
CA GLN A 9 -24.34 11.20 10.27
C GLN A 9 -23.16 12.17 10.12
N ILE A 10 -21.94 11.63 10.10
CA ILE A 10 -20.74 12.46 10.03
C ILE A 10 -20.79 13.38 8.82
N ASP A 11 -21.38 12.93 7.73
CA ASP A 11 -21.50 13.76 6.53
C ASP A 11 -22.39 14.97 6.77
N LYS A 12 -23.55 14.75 7.41
CA LYS A 12 -24.46 15.86 7.69
C LYS A 12 -23.84 16.85 8.66
N SER A 13 -23.36 16.38 9.81
CA SER A 13 -22.73 17.27 10.77
C SER A 13 -21.36 17.77 10.32
N GLY A 14 -20.86 17.29 9.18
CA GLY A 14 -19.64 17.81 8.58
C GLY A 14 -18.39 17.71 9.43
N SER A 15 -18.25 16.65 10.21
CA SER A 15 -17.22 16.56 11.24
C SER A 15 -16.07 15.63 10.85
N TRP A 16 -15.84 15.42 9.55
CA TRP A 16 -14.80 14.48 9.12
C TRP A 16 -13.42 14.94 9.61
N ALA A 17 -13.10 16.21 9.43
CA ALA A 17 -11.79 16.68 9.87
C ALA A 17 -11.63 16.58 11.38
N ALA A 18 -12.72 16.78 12.13
CA ALA A 18 -12.66 16.61 13.57
C ALA A 18 -12.34 15.15 13.92
N ILE A 19 -12.99 14.21 13.25
CA ILE A 19 -12.67 12.80 13.45
C ILE A 19 -11.20 12.55 13.11
N TYR A 20 -10.76 13.06 11.95
CA TYR A 20 -9.38 12.81 11.52
C TYR A 20 -8.38 13.39 12.52
N GLN A 21 -8.58 14.65 12.93
CA GLN A 21 -7.67 15.24 13.90
C GLN A 21 -7.60 14.42 15.18
N ASP A 22 -8.69 13.73 15.53
CA ASP A 22 -8.68 12.89 16.73
C ASP A 22 -7.69 11.75 16.58
N ILE A 23 -7.72 11.06 15.43
CA ILE A 23 -6.82 9.92 15.22
C ILE A 23 -5.38 10.36 15.32
N ARG A 24 -5.03 11.48 14.70
CA ARG A 24 -3.69 12.02 14.83
C ARG A 24 -3.31 12.17 16.30
N HIS A 25 -4.25 12.59 17.13
CA HIS A 25 -3.93 12.80 18.54
C HIS A 25 -3.75 11.48 19.28
N GLU A 26 -4.59 10.48 18.95
CA GLU A 26 -4.59 9.22 19.67
C GLU A 26 -3.56 8.22 19.16
N ALA A 27 -2.90 8.51 18.04
CA ALA A 27 -2.05 7.51 17.41
C ALA A 27 -0.78 7.25 18.20
N SER A 28 -0.32 6.01 18.15
CA SER A 28 0.93 5.62 18.80
C SER A 28 2.09 6.52 18.42
N ASP A 29 3.13 6.48 19.24
CA ASP A 29 4.35 7.28 19.05
C ASP A 29 5.48 6.44 19.60
N PHE A 30 6.17 5.72 18.73
CA PHE A 30 7.25 4.86 19.17
C PHE A 30 8.60 5.36 18.66
N PRO A 31 9.71 4.93 19.25
CA PRO A 31 11.01 5.44 18.83
C PRO A 31 11.37 5.01 17.42
N CYS A 32 12.06 5.89 16.70
CA CYS A 32 12.55 5.62 15.35
C CYS A 32 14.04 5.83 15.27
N ARG A 33 14.80 5.16 16.14
CA ARG A 33 16.20 5.52 16.31
C ARG A 33 17.04 5.08 15.12
N VAL A 34 16.85 3.85 14.64
CA VAL A 34 17.64 3.40 13.50
C VAL A 34 17.40 4.33 12.31
N ALA A 35 16.14 4.69 12.07
CA ALA A 35 15.83 5.59 10.96
C ALA A 35 16.48 6.95 11.10
N LYS A 36 16.81 7.37 12.32
CA LYS A 36 17.34 8.71 12.52
C LYS A 36 18.86 8.73 12.58
N LEU A 37 19.51 7.58 12.61
CA LEU A 37 20.96 7.54 12.51
C LEU A 37 21.43 8.38 11.32
N PRO A 38 22.61 9.01 11.43
CA PRO A 38 23.11 9.78 10.29
C PRO A 38 23.36 8.93 9.05
N LYS A 39 23.99 7.76 9.21
CA LYS A 39 24.30 6.93 8.06
C LYS A 39 23.06 6.57 7.25
N ASN A 40 21.86 6.86 7.76
CA ASN A 40 20.62 6.52 7.07
C ASN A 40 19.88 7.75 6.59
N LYS A 41 20.51 8.93 6.64
CA LYS A 41 19.83 10.13 6.16
C LYS A 41 19.44 9.98 4.69
N ASN A 42 20.35 9.49 3.86
CA ASN A 42 20.06 9.40 2.43
C ASN A 42 19.16 8.21 2.09
N ARG A 43 18.79 7.38 3.07
CA ARG A 43 17.86 6.29 2.79
C ARG A 43 16.42 6.66 3.11
N ASN A 44 16.16 7.89 3.53
CA ASN A 44 14.80 8.35 3.79
C ASN A 44 14.44 9.46 2.83
N ARG A 45 13.26 9.36 2.24
CA ARG A 45 12.83 10.38 1.29
C ARG A 45 12.26 11.59 1.99
N TYR A 46 11.62 11.41 3.13
CA TYR A 46 11.05 12.51 3.88
C TYR A 46 11.61 12.50 5.30
N ARG A 47 11.92 13.69 5.82
CA ARG A 47 12.59 13.75 7.12
C ARG A 47 11.63 13.54 8.28
N ASP A 48 10.32 13.66 8.04
CA ASP A 48 9.32 13.44 9.07
C ASP A 48 8.51 12.16 8.85
N VAL A 49 9.03 11.22 8.07
CA VAL A 49 8.35 9.94 7.84
C VAL A 49 9.38 8.82 8.01
N SER A 50 9.28 8.08 9.12
CA SER A 50 10.24 7.02 9.44
C SER A 50 9.53 5.80 10.00
N PRO A 51 10.09 4.61 9.79
CA PRO A 51 9.54 3.41 10.42
C PRO A 51 9.85 3.37 11.92
N PHE A 52 8.86 2.94 12.71
CA PHE A 52 9.14 2.62 14.11
C PHE A 52 10.20 1.54 14.18
N ASP A 53 11.06 1.62 15.20
CA ASP A 53 12.07 0.59 15.38
C ASP A 53 11.46 -0.80 15.51
N HIS A 54 10.31 -0.92 16.20
CA HIS A 54 9.85 -2.24 16.57
C HIS A 54 9.24 -2.99 15.39
N SER A 55 8.85 -2.29 14.33
CA SER A 55 8.20 -2.95 13.21
C SER A 55 8.92 -2.70 11.87
N ARG A 56 10.17 -2.22 11.91
CA ARG A 56 10.87 -1.92 10.66
C ARG A 56 11.39 -3.21 10.02
N ILE A 57 11.39 -3.23 8.68
CA ILE A 57 11.95 -4.36 7.95
C ILE A 57 13.47 -4.29 8.01
N LYS A 58 14.12 -5.41 8.29
CA LYS A 58 15.58 -5.49 8.30
C LYS A 58 16.09 -6.22 7.06
N LEU A 59 16.88 -5.54 6.24
CA LEU A 59 17.64 -6.21 5.19
C LEU A 59 18.59 -7.24 5.80
N HIS A 60 18.80 -8.33 5.08
CA HIS A 60 19.71 -9.35 5.60
C HIS A 60 21.13 -9.11 5.09
N GLN A 61 21.56 -7.87 5.24
CA GLN A 61 22.90 -7.43 4.86
C GLN A 61 23.93 -7.63 5.95
N ASN A 64 24.69 -2.80 6.28
CA ASN A 64 23.68 -1.90 6.82
C ASN A 64 22.29 -2.44 6.50
N ASP A 65 21.48 -2.62 7.54
CA ASP A 65 20.22 -3.36 7.41
C ASP A 65 18.99 -2.46 7.32
N TYR A 66 19.18 -1.16 7.09
CA TYR A 66 18.07 -0.23 7.17
C TYR A 66 17.39 0.01 5.83
N ILE A 67 16.06 -0.01 5.86
CA ILE A 67 15.24 0.45 4.76
C ILE A 67 13.98 1.08 5.35
N ASN A 68 13.50 2.14 4.71
CA ASN A 68 12.31 2.83 5.23
C ASN A 68 11.07 2.04 4.84
N ALA A 69 10.74 1.03 5.65
CA ALA A 69 9.62 0.12 5.40
C ALA A 69 9.20 -0.54 6.71
N SER A 70 7.89 -0.79 6.86
CA SER A 70 7.29 -1.28 8.10
C SER A 70 6.39 -2.48 7.85
N LEU A 71 6.53 -3.50 8.68
CA LEU A 71 5.64 -4.66 8.68
C LEU A 71 4.40 -4.36 9.52
N ILE A 72 3.27 -4.25 8.86
CA ILE A 72 1.97 -4.07 9.50
C ILE A 72 1.35 -5.45 9.59
N LYS A 73 1.32 -6.02 10.79
CA LYS A 73 0.85 -7.39 10.99
C LYS A 73 -0.50 -7.32 11.70
N MET A 74 -1.58 -7.41 10.94
CA MET A 74 -2.93 -7.35 11.50
C MET A 74 -3.31 -8.75 11.94
N GLU A 75 -3.22 -8.99 13.26
CA GLU A 75 -3.34 -10.33 13.82
C GLU A 75 -4.74 -10.90 13.63
N GLU A 76 -5.77 -10.10 13.93
CA GLU A 76 -7.13 -10.61 13.84
C GLU A 76 -7.59 -10.76 12.40
N ALA A 77 -7.20 -9.81 11.54
CA ALA A 77 -7.50 -9.95 10.12
C ALA A 77 -6.66 -11.03 9.45
N GLN A 78 -5.58 -11.48 10.10
CA GLN A 78 -4.73 -12.56 9.59
C GLN A 78 -4.08 -12.20 8.25
N ARG A 79 -3.77 -10.93 8.05
CA ARG A 79 -2.98 -10.51 6.88
C ARG A 79 -1.87 -9.58 7.34
N SER A 80 -0.71 -9.68 6.68
CA SER A 80 0.41 -8.78 6.91
C SER A 80 0.67 -7.97 5.64
N TYR A 81 1.01 -6.69 5.80
CA TYR A 81 1.48 -5.88 4.69
C TYR A 81 2.82 -5.25 5.07
N ILE A 82 3.65 -5.00 4.05
CA ILE A 82 4.82 -4.15 4.19
C ILE A 82 4.53 -2.84 3.49
N LEU A 83 4.50 -1.75 4.26
CA LEU A 83 4.39 -0.42 3.67
C LEU A 83 5.75 0.23 3.68
N THR A 84 6.11 0.81 2.54
CA THR A 84 7.43 1.37 2.34
C THR A 84 7.27 2.64 1.51
N GLN A 85 8.30 3.48 1.53
CA GLN A 85 8.31 4.69 0.71
C GLN A 85 8.64 4.34 -0.74
N GLY A 86 8.24 5.21 -1.68
CA GLY A 86 8.74 5.14 -3.03
C GLY A 86 10.26 5.08 -3.04
N PRO A 87 10.83 4.03 -3.63
CA PRO A 87 12.29 3.84 -3.57
C PRO A 87 13.07 5.04 -4.07
N LEU A 88 14.24 5.26 -3.51
CA LEU A 88 15.12 6.32 -3.94
C LEU A 88 16.08 5.79 -4.99
N PRO A 89 16.72 6.68 -5.75
CA PRO A 89 17.75 6.22 -6.70
C PRO A 89 18.74 5.29 -6.06
N ASN A 90 19.08 5.50 -4.79
CA ASN A 90 20.06 4.66 -4.12
C ASN A 90 19.45 3.48 -3.34
N THR A 91 18.12 3.36 -3.25
CA THR A 91 17.55 2.24 -2.50
C THR A 91 16.77 1.27 -3.36
N CYS A 92 16.89 1.36 -4.68
CA CYS A 92 16.21 0.40 -5.56
C CYS A 92 16.70 -1.01 -5.32
N GLY A 93 18.01 -1.17 -5.14
CA GLY A 93 18.52 -2.48 -4.78
C GLY A 93 18.03 -2.97 -3.43
N HIS A 94 17.88 -2.04 -2.47
CA HIS A 94 17.39 -2.46 -1.15
C HIS A 94 15.95 -2.92 -1.24
N PHE A 95 15.14 -2.17 -1.98
CA PHE A 95 13.73 -2.49 -2.14
C PHE A 95 13.54 -3.91 -2.66
N TRP A 96 14.24 -4.27 -3.75
CA TRP A 96 14.11 -5.61 -4.29
C TRP A 96 14.79 -6.64 -3.40
N GLU A 97 15.88 -6.26 -2.75
CA GLU A 97 16.42 -7.14 -1.70
C GLU A 97 15.35 -7.47 -0.68
N MET A 98 14.61 -6.44 -0.23
CA MET A 98 13.54 -6.66 0.73
C MET A 98 12.47 -7.59 0.16
N VAL A 99 11.97 -7.27 -1.04
CA VAL A 99 10.96 -8.11 -1.69
C VAL A 99 11.43 -9.55 -1.72
N TRP A 100 12.70 -9.78 -2.01
CA TRP A 100 13.21 -11.15 -2.06
C TRP A 100 13.24 -11.77 -0.67
N GLU A 101 13.96 -11.14 0.26
CA GLU A 101 14.15 -11.74 1.57
C GLU A 101 12.82 -11.99 2.29
N GLN A 102 11.82 -11.11 2.06
CA GLN A 102 10.50 -11.28 2.68
C GLN A 102 9.56 -12.15 1.86
N LYS A 103 10.00 -12.67 0.72
CA LYS A 103 9.20 -13.59 -0.09
C LYS A 103 7.89 -12.98 -0.57
N SER A 104 7.85 -11.67 -0.77
CA SER A 104 6.63 -11.07 -1.32
C SER A 104 6.40 -11.56 -2.76
N ARG A 105 5.13 -11.65 -3.14
CA ARG A 105 4.69 -11.98 -4.49
C ARG A 105 4.16 -10.78 -5.23
N GLY A 106 3.61 -9.80 -4.53
CA GLY A 106 3.02 -8.64 -5.17
C GLY A 106 3.62 -7.34 -4.65
N VAL A 107 3.65 -6.35 -5.54
CA VAL A 107 3.94 -4.97 -5.19
C VAL A 107 2.79 -4.14 -5.70
N VAL A 108 2.21 -3.35 -4.81
CA VAL A 108 1.18 -2.38 -5.18
C VAL A 108 1.82 -1.00 -5.10
N MET A 109 1.79 -0.28 -6.22
CA MET A 109 2.33 1.07 -6.31
C MET A 109 1.19 2.01 -6.64
N LEU A 110 0.95 3.00 -5.78
CA LEU A 110 -0.22 3.85 -5.87
C LEU A 110 0.10 5.26 -6.30
N ASN A 111 1.36 5.56 -6.58
CA ASN A 111 1.82 6.87 -7.01
C ASN A 111 2.32 6.77 -8.45
N ARG A 112 2.61 7.92 -9.05
CA ARG A 112 3.36 7.95 -10.30
C ARG A 112 4.77 8.51 -10.04
N VAL A 113 5.72 8.09 -10.88
CA VAL A 113 7.09 8.58 -10.74
C VAL A 113 7.12 10.09 -10.80
N MET A 114 6.30 10.66 -11.68
CA MET A 114 6.17 12.11 -11.86
C MET A 114 4.80 12.52 -11.36
N GLU A 115 4.77 13.42 -10.37
CA GLU A 115 3.51 13.81 -9.74
C GLU A 115 3.51 15.32 -9.52
N LYS A 116 2.74 16.03 -10.36
CA LYS A 116 2.65 17.49 -10.33
C LYS A 116 4.03 18.13 -10.24
N GLY A 117 4.89 17.77 -11.20
CA GLY A 117 6.23 18.32 -11.28
C GLY A 117 7.21 17.76 -10.27
N SER A 118 6.72 17.28 -9.13
CA SER A 118 7.58 16.74 -8.09
C SER A 118 7.95 15.28 -8.37
N LEU A 119 9.22 14.94 -8.15
CA LEU A 119 9.70 13.58 -8.32
C LEU A 119 9.39 12.80 -7.05
N LYS A 120 8.42 11.88 -7.14
CA LYS A 120 7.93 11.12 -5.99
C LYS A 120 8.56 9.74 -5.86
N CYS A 121 9.37 9.32 -6.83
CA CYS A 121 9.80 7.92 -6.86
C CYS A 121 10.82 7.68 -7.97
N ALA A 122 11.75 6.76 -7.76
CA ALA A 122 12.69 6.36 -8.80
C ALA A 122 12.11 5.27 -9.68
N GLN A 123 12.52 5.25 -10.95
CA GLN A 123 12.05 4.23 -11.90
C GLN A 123 12.72 2.90 -11.53
N TYR A 124 12.10 2.17 -10.58
CA TYR A 124 12.77 1.04 -9.95
C TYR A 124 12.48 -0.29 -10.64
N TRP A 125 11.64 -0.30 -11.67
CA TRP A 125 11.34 -1.50 -12.42
C TRP A 125 11.49 -1.23 -13.92
N PRO A 126 11.88 -2.26 -14.69
CA PRO A 126 12.15 -2.06 -16.13
C PRO A 126 10.86 -1.89 -16.93
N GLN A 127 10.85 -0.90 -17.81
CA GLN A 127 9.70 -0.63 -18.67
C GLN A 127 9.76 -1.33 -20.04
N LYS A 128 10.88 -1.97 -20.38
CA LYS A 128 10.97 -2.72 -21.63
C LYS A 128 11.55 -4.10 -21.37
N GLU A 129 10.90 -5.13 -21.90
CA GLU A 129 11.37 -6.50 -21.84
C GLU A 129 12.86 -6.61 -22.12
N GLU A 130 13.33 -5.91 -23.15
CA GLU A 130 14.70 -6.10 -23.61
C GLU A 130 15.73 -5.35 -22.77
N LYS A 131 15.31 -4.41 -21.91
CA LYS A 131 16.23 -3.65 -21.07
C LYS A 131 15.96 -4.02 -19.61
N GLU A 132 16.54 -5.14 -19.17
CA GLU A 132 16.41 -5.57 -17.78
C GLU A 132 17.32 -4.77 -16.87
N MET A 133 16.93 -4.67 -15.59
CA MET A 133 17.69 -3.91 -14.60
C MET A 133 18.57 -4.85 -13.78
N ILE A 134 19.80 -4.42 -13.50
CA ILE A 134 20.70 -5.20 -12.66
C ILE A 134 21.13 -4.35 -11.46
N PHE A 135 20.81 -4.83 -10.26
CA PHE A 135 21.10 -4.13 -8.99
C PHE A 135 22.32 -4.80 -8.38
N GLU A 136 23.49 -4.20 -8.58
CA GLU A 136 24.73 -4.91 -8.28
C GLU A 136 25.06 -4.90 -6.79
N ASP A 137 24.62 -3.89 -6.05
CA ASP A 137 24.84 -3.89 -4.60
C ASP A 137 24.15 -5.07 -3.91
N THR A 138 22.99 -5.51 -4.41
CA THR A 138 22.23 -6.59 -3.80
C THR A 138 22.20 -7.86 -4.64
N ASN A 139 22.87 -7.88 -5.79
CA ASN A 139 23.01 -9.07 -6.61
C ASN A 139 21.66 -9.58 -7.12
N LEU A 140 20.84 -8.65 -7.61
CA LEU A 140 19.54 -9.01 -8.15
C LEU A 140 19.41 -8.51 -9.59
N LYS A 141 18.59 -9.22 -10.35
CA LYS A 141 18.29 -8.92 -11.76
C LYS A 141 16.79 -8.97 -11.92
N LEU A 142 16.24 -7.99 -12.63
CA LEU A 142 14.81 -7.76 -12.73
C LEU A 142 14.41 -7.56 -14.19
N THR A 143 13.43 -8.35 -14.67
CA THR A 143 13.08 -8.39 -16.09
C THR A 143 11.57 -8.29 -16.27
N LEU A 144 11.13 -7.31 -17.06
CA LEU A 144 9.74 -7.25 -17.48
C LEU A 144 9.42 -8.44 -18.38
N ILE A 145 8.37 -9.19 -18.04
CA ILE A 145 7.96 -10.36 -18.81
C ILE A 145 6.74 -10.07 -19.66
N SER A 146 5.73 -9.41 -19.11
CA SER A 146 4.55 -9.01 -19.86
C SER A 146 3.85 -7.92 -19.06
N GLU A 147 2.84 -7.30 -19.66
CA GLU A 147 2.12 -6.25 -18.97
C GLU A 147 0.73 -6.09 -19.56
N ASP A 148 -0.26 -5.95 -18.68
CA ASP A 148 -1.65 -5.72 -19.05
C ASP A 148 -1.99 -4.29 -18.66
N ILE A 149 -2.14 -3.42 -19.66
CA ILE A 149 -2.41 -2.01 -19.44
C ILE A 149 -3.92 -1.78 -19.49
N LYS A 150 -4.44 -1.09 -18.48
CA LYS A 150 -5.84 -0.70 -18.41
C LYS A 150 -5.90 0.81 -18.29
N SER A 151 -7.12 1.36 -18.23
CA SER A 151 -7.26 2.80 -18.36
C SER A 151 -6.64 3.54 -17.18
N TYR A 152 -6.87 3.06 -15.95
CA TYR A 152 -6.34 3.75 -14.77
C TYR A 152 -5.39 2.87 -13.96
N TYR A 153 -4.94 1.74 -14.50
CA TYR A 153 -3.95 0.96 -13.77
C TYR A 153 -3.29 -0.02 -14.72
N THR A 154 -2.12 -0.51 -14.32
CA THR A 154 -1.37 -1.44 -15.14
C THR A 154 -0.82 -2.55 -14.25
N VAL A 155 -0.97 -3.78 -14.71
CA VAL A 155 -0.42 -4.95 -14.05
C VAL A 155 0.76 -5.40 -14.89
N ARG A 156 1.93 -5.49 -14.27
CA ARG A 156 3.11 -6.03 -14.95
C ARG A 156 3.47 -7.34 -14.30
N GLN A 157 3.99 -8.24 -15.11
CA GLN A 157 4.58 -9.48 -14.62
C GLN A 157 6.10 -9.34 -14.75
N LEU A 158 6.81 -9.63 -13.66
CA LEU A 158 8.23 -9.40 -13.58
C LEU A 158 8.92 -10.68 -13.15
N GLU A 159 10.19 -10.81 -13.48
CA GLU A 159 10.99 -11.93 -13.00
C GLU A 159 12.16 -11.38 -12.21
N LEU A 160 12.23 -11.77 -10.94
CA LEU A 160 13.28 -11.35 -10.02
C LEU A 160 14.24 -12.52 -9.87
N GLU A 161 15.50 -12.30 -10.21
CA GLU A 161 16.49 -13.37 -10.15
C GLU A 161 17.50 -13.03 -9.07
N ASN A 162 17.71 -13.99 -8.17
CA ASN A 162 18.79 -13.89 -7.19
C ASN A 162 20.05 -14.36 -7.89
N LEU A 163 20.86 -13.41 -8.37
CA LEU A 163 22.06 -13.75 -9.13
C LEU A 163 23.02 -14.66 -8.36
N THR A 164 22.88 -14.76 -7.04
CA THR A 164 23.74 -15.70 -6.30
C THR A 164 23.26 -17.13 -6.54
N THR A 165 22.16 -17.51 -5.89
CA THR A 165 21.64 -18.86 -6.02
C THR A 165 21.12 -19.17 -7.42
N GLN A 166 20.87 -18.14 -8.22
CA GLN A 166 20.27 -18.26 -9.56
C GLN A 166 18.79 -18.66 -9.51
N GLU A 167 18.18 -18.77 -8.34
CA GLU A 167 16.73 -18.98 -8.30
C GLU A 167 16.02 -17.74 -8.81
N THR A 168 14.77 -17.94 -9.24
CA THR A 168 13.96 -16.87 -9.80
C THR A 168 12.56 -16.96 -9.21
N ARG A 169 11.89 -15.81 -9.15
CA ARG A 169 10.52 -15.75 -8.72
C ARG A 169 9.76 -14.78 -9.60
N GLU A 170 8.46 -15.00 -9.70
CA GLU A 170 7.57 -14.11 -10.39
C GLU A 170 6.95 -13.13 -9.40
N ILE A 171 7.04 -11.85 -9.72
CA ILE A 171 6.48 -10.77 -8.92
C ILE A 171 5.43 -10.08 -9.76
N LEU A 172 4.27 -9.81 -9.17
CA LEU A 172 3.22 -9.07 -9.85
C LEU A 172 3.20 -7.62 -9.35
N HIS A 173 3.28 -6.68 -10.28
CA HIS A 173 3.33 -5.26 -10.00
C HIS A 173 1.99 -4.65 -10.40
N PHE A 174 1.27 -4.11 -9.43
CA PHE A 174 -0.02 -3.47 -9.65
C PHE A 174 0.19 -1.97 -9.46
N HIS A 175 0.08 -1.23 -10.56
CA HIS A 175 0.39 0.19 -10.59
C HIS A 175 -0.89 0.99 -10.83
N TYR A 176 -1.36 1.70 -9.81
CA TYR A 176 -2.52 2.57 -9.89
C TYR A 176 -2.07 3.96 -10.30
N THR A 177 -2.49 4.42 -11.48
CA THR A 177 -1.90 5.62 -12.10
C THR A 177 -2.74 6.88 -11.93
N THR A 178 -3.96 6.77 -11.44
CA THR A 178 -4.86 7.92 -11.39
C THR A 178 -5.27 8.25 -9.95
N TRP A 179 -4.33 8.12 -9.01
CA TRP A 179 -4.60 8.43 -7.60
C TRP A 179 -3.65 9.53 -7.15
N PRO A 180 -4.10 10.78 -7.09
CA PRO A 180 -3.20 11.89 -6.76
C PRO A 180 -2.76 11.90 -5.31
N ALA A 181 -1.53 12.34 -5.09
CA ALA A 181 -1.04 12.58 -3.75
C ALA A 181 -2.05 13.40 -2.97
N PHE A 182 -2.24 13.05 -1.70
CA PHE A 182 -3.19 13.70 -0.80
C PHE A 182 -4.62 13.72 -1.33
N GLY A 183 -4.90 12.95 -2.38
CA GLY A 183 -6.23 12.88 -2.94
C GLY A 183 -6.86 11.51 -2.81
N VAL A 184 -7.88 11.24 -3.63
CA VAL A 184 -8.64 10.02 -3.50
C VAL A 184 -8.85 9.41 -4.88
N PRO A 185 -9.23 8.13 -4.95
CA PRO A 185 -9.60 7.54 -6.23
C PRO A 185 -10.89 8.14 -6.77
N GLU A 186 -11.11 7.96 -8.08
CA GLU A 186 -12.25 8.57 -8.75
C GLU A 186 -13.57 8.07 -8.16
N SER A 187 -13.64 6.81 -7.77
CA SER A 187 -14.86 6.23 -7.21
C SER A 187 -14.50 5.01 -6.38
N PRO A 188 -15.36 4.60 -5.47
CA PRO A 188 -15.15 3.31 -4.79
C PRO A 188 -15.04 2.15 -5.75
N ALA A 189 -15.84 2.15 -6.82
CA ALA A 189 -15.78 1.04 -7.77
C ALA A 189 -14.39 0.91 -8.37
N SER A 190 -13.80 2.02 -8.82
CA SER A 190 -12.47 1.92 -9.41
C SER A 190 -11.45 1.49 -8.37
N PHE A 191 -11.60 1.91 -7.12
CA PHE A 191 -10.71 1.42 -6.08
C PHE A 191 -10.94 -0.06 -5.80
N LEU A 192 -12.18 -0.42 -5.46
CA LEU A 192 -12.47 -1.79 -5.08
C LEU A 192 -12.21 -2.75 -6.23
N ASN A 193 -12.46 -2.30 -7.46
CA ASN A 193 -12.09 -3.11 -8.62
C ASN A 193 -10.59 -3.37 -8.62
N PHE A 194 -9.79 -2.33 -8.40
CA PHE A 194 -8.35 -2.51 -8.25
C PHE A 194 -8.03 -3.46 -7.09
N LEU A 195 -8.60 -3.21 -5.91
CA LEU A 195 -8.28 -4.07 -4.76
C LEU A 195 -8.57 -5.53 -5.06
N PHE A 196 -9.72 -5.80 -5.68
CA PHE A 196 -10.10 -7.19 -5.92
C PHE A 196 -9.25 -7.81 -7.03
N LYS A 197 -8.79 -7.00 -7.98
CA LYS A 197 -7.78 -7.51 -8.91
C LYS A 197 -6.58 -8.04 -8.14
N VAL A 198 -6.06 -7.24 -7.20
CA VAL A 198 -4.91 -7.68 -6.41
C VAL A 198 -5.26 -8.95 -5.64
N ARG A 199 -6.42 -8.95 -4.98
CA ARG A 199 -6.87 -10.13 -4.22
C ARG A 199 -6.89 -11.37 -5.09
N GLU A 200 -7.47 -11.27 -6.29
CA GLU A 200 -7.64 -12.47 -7.13
C GLU A 200 -6.31 -13.04 -7.58
N SER A 201 -5.31 -12.19 -7.81
CA SER A 201 -4.00 -12.63 -8.28
C SER A 201 -3.34 -13.60 -7.32
N GLY A 202 -3.85 -13.75 -6.10
CA GLY A 202 -3.19 -14.56 -5.10
C GLY A 202 -2.01 -13.90 -4.42
N SER A 203 -1.63 -12.69 -4.83
CA SER A 203 -0.50 -12.01 -4.20
C SER A 203 -0.70 -11.81 -2.71
N LEU A 204 -1.96 -11.72 -2.24
CA LEU A 204 -2.22 -11.55 -0.81
C LEU A 204 -2.31 -12.86 -0.05
N SER A 205 -2.17 -14.00 -0.73
CA SER A 205 -2.35 -15.27 -0.06
C SER A 205 -1.27 -15.46 1.00
N PRO A 206 -1.61 -16.12 2.11
CA PRO A 206 -0.65 -16.23 3.23
C PRO A 206 0.50 -17.19 2.97
N GLU A 207 0.43 -18.05 1.95
CA GLU A 207 1.61 -18.84 1.64
C GLU A 207 2.73 -17.97 1.07
N HIS A 208 2.42 -16.76 0.65
CA HIS A 208 3.42 -15.78 0.26
C HIS A 208 3.74 -14.87 1.44
N GLY A 209 4.88 -14.18 1.33
CA GLY A 209 5.20 -13.09 2.21
C GLY A 209 4.22 -11.94 2.05
N PRO A 210 4.35 -10.94 2.93
CA PRO A 210 3.45 -9.78 2.85
C PRO A 210 3.56 -9.09 1.50
N VAL A 211 2.42 -8.64 0.99
CA VAL A 211 2.45 -7.75 -0.18
C VAL A 211 3.17 -6.47 0.20
N VAL A 212 3.94 -5.92 -0.75
CA VAL A 212 4.61 -4.65 -0.54
C VAL A 212 3.75 -3.56 -1.17
N VAL A 213 3.39 -2.56 -0.38
CA VAL A 213 2.55 -1.45 -0.78
C VAL A 213 3.36 -0.17 -0.61
N HIS A 214 3.38 0.67 -1.64
CA HIS A 214 4.07 1.94 -1.50
C HIS A 214 3.36 3.02 -2.31
N CYS A 215 3.58 4.26 -1.90
CA CYS A 215 3.24 5.43 -2.70
C CYS A 215 4.46 6.35 -2.68
N SER A 216 4.29 7.63 -2.35
CA SER A 216 5.46 8.48 -2.20
C SER A 216 6.12 8.27 -0.84
N ALA A 217 5.38 8.46 0.25
CA ALA A 217 5.89 8.24 1.61
C ALA A 217 5.54 6.87 2.18
N GLY A 218 4.61 6.14 1.57
CA GLY A 218 4.18 4.87 2.14
C GLY A 218 3.28 5.01 3.35
N ILE A 219 2.46 6.06 3.42
CA ILE A 219 1.57 6.23 4.56
C ILE A 219 0.16 6.71 4.16
N GLY A 220 0.06 7.58 3.17
CA GLY A 220 -1.22 8.19 2.84
C GLY A 220 -2.12 7.32 1.98
N ARG A 221 -1.79 7.22 0.68
CA ARG A 221 -2.54 6.34 -0.20
C ARG A 221 -2.33 4.88 0.18
N SER A 222 -1.09 4.50 0.52
CA SER A 222 -0.84 3.15 1.01
C SER A 222 -1.70 2.83 2.22
N GLY A 223 -1.85 3.79 3.14
CA GLY A 223 -2.69 3.58 4.30
C GLY A 223 -4.13 3.31 3.91
N THR A 224 -4.66 4.11 2.99
CA THR A 224 -6.03 3.93 2.53
C THR A 224 -6.23 2.54 1.94
N PHE A 225 -5.29 2.09 1.13
CA PHE A 225 -5.44 0.79 0.49
C PHE A 225 -5.46 -0.31 1.54
N CYS A 226 -4.59 -0.19 2.54
CA CYS A 226 -4.46 -1.27 3.50
CA CYS A 226 -4.43 -1.23 3.55
C CYS A 226 -5.61 -1.26 4.51
N LEU A 227 -6.10 -0.09 4.92
CA LEU A 227 -7.24 -0.04 5.82
C LEU A 227 -8.48 -0.69 5.18
N ALA A 228 -8.79 -0.34 3.94
CA ALA A 228 -9.95 -0.91 3.27
C ALA A 228 -9.84 -2.43 3.19
N ASP A 229 -8.70 -2.94 2.73
CA ASP A 229 -8.56 -4.39 2.62
C ASP A 229 -8.77 -5.06 3.98
N THR A 230 -8.15 -4.51 5.03
CA THR A 230 -8.28 -5.13 6.36
C THR A 230 -9.71 -5.04 6.89
N CYS A 231 -10.36 -3.88 6.75
CA CYS A 231 -11.73 -3.78 7.23
C CYS A 231 -12.61 -4.84 6.56
N LEU A 232 -12.47 -5.02 5.24
CA LEU A 232 -13.26 -6.03 4.55
C LEU A 232 -12.90 -7.44 5.03
N LEU A 233 -11.63 -7.68 5.34
CA LEU A 233 -11.24 -8.96 5.92
C LEU A 233 -11.95 -9.20 7.26
N LEU A 234 -11.97 -8.18 8.13
CA LEU A 234 -12.60 -8.34 9.44
C LEU A 234 -14.11 -8.51 9.33
N MET A 235 -14.72 -7.80 8.38
CA MET A 235 -16.14 -8.01 8.06
C MET A 235 -16.44 -9.48 7.84
N ASP A 236 -15.63 -10.16 7.01
CA ASP A 236 -15.89 -11.55 6.68
C ASP A 236 -15.57 -12.48 7.85
N LYS A 237 -14.42 -12.27 8.49
CA LYS A 237 -14.01 -13.14 9.59
C LYS A 237 -15.02 -13.08 10.74
N ARG A 238 -15.32 -11.88 11.21
CA ARG A 238 -16.35 -11.67 12.22
C ARG A 238 -17.77 -11.97 11.71
N LYS A 239 -17.94 -12.07 10.39
CA LYS A 239 -19.26 -12.31 9.79
C LYS A 239 -20.28 -11.28 10.29
N ASP A 240 -19.89 -10.00 10.23
CA ASP A 240 -20.76 -8.90 10.63
C ASP A 240 -20.28 -7.56 10.09
N PRO A 241 -20.94 -7.02 9.05
CA PRO A 241 -20.50 -5.72 8.50
C PRO A 241 -20.49 -4.57 9.50
N SER A 242 -21.61 -4.32 10.17
CA SER A 242 -21.64 -3.14 11.06
C SER A 242 -20.82 -3.34 12.35
N SER A 243 -20.09 -4.44 12.49
CA SER A 243 -19.24 -4.64 13.66
C SER A 243 -17.88 -3.95 13.51
N VAL A 244 -17.40 -3.79 12.28
CA VAL A 244 -16.06 -3.24 12.04
C VAL A 244 -16.09 -1.74 12.25
N ASP A 245 -15.26 -1.25 13.18
CA ASP A 245 -15.12 0.18 13.45
C ASP A 245 -13.86 0.68 12.77
N ILE A 246 -14.03 1.44 11.67
CA ILE A 246 -12.90 1.86 10.86
C ILE A 246 -11.86 2.58 11.73
N LYS A 247 -12.33 3.41 12.66
CA LYS A 247 -11.41 4.19 13.49
C LYS A 247 -10.49 3.29 14.31
N LYS A 248 -11.06 2.29 14.99
CA LYS A 248 -10.22 1.42 15.81
C LYS A 248 -9.26 0.62 14.94
N VAL A 249 -9.68 0.25 13.73
CA VAL A 249 -8.78 -0.49 12.85
C VAL A 249 -7.61 0.39 12.42
N LEU A 250 -7.91 1.64 12.06
CA LEU A 250 -6.84 2.52 11.59
C LEU A 250 -5.84 2.82 12.69
N LEU A 251 -6.34 3.05 13.92
CA LEU A 251 -5.43 3.22 15.05
C LEU A 251 -4.61 1.97 15.29
N GLU A 252 -5.20 0.79 15.07
CA GLU A 252 -4.43 -0.44 15.22
C GLU A 252 -3.31 -0.52 14.18
N MET A 253 -3.59 -0.10 12.94
CA MET A 253 -2.54 -0.11 11.93
C MET A 253 -1.44 0.87 12.29
N ARG A 254 -1.81 1.98 12.94
CA ARG A 254 -0.85 3.02 13.24
C ARG A 254 0.08 2.67 14.39
N LYS A 255 -0.12 1.53 15.05
CA LYS A 255 0.88 1.01 15.96
C LYS A 255 2.13 0.55 15.22
N PHE A 256 1.99 0.29 13.91
CA PHE A 256 3.06 -0.31 13.12
C PHE A 256 3.75 0.68 12.18
N ARG A 257 3.09 1.78 11.82
CA ARG A 257 3.72 2.79 10.98
C ARG A 257 2.98 4.10 11.23
N MET A 258 3.72 5.19 11.37
CA MET A 258 3.12 6.49 11.62
C MET A 258 2.35 7.02 10.43
N GLY A 259 1.34 7.84 10.70
CA GLY A 259 0.75 8.70 9.70
C GLY A 259 -0.11 8.05 8.64
N LEU A 260 -0.58 6.82 8.85
CA LEU A 260 -1.37 6.16 7.83
C LEU A 260 -2.70 6.89 7.61
N ILE A 261 -3.02 7.15 6.34
CA ILE A 261 -4.16 7.96 5.93
C ILE A 261 -3.79 9.42 6.15
N ALA A 262 -3.65 10.17 5.05
CA ALA A 262 -3.00 11.48 5.08
C ALA A 262 -3.95 12.66 5.11
N THR A 263 -5.20 12.50 4.68
CA THR A 263 -6.16 13.59 4.72
C THR A 263 -7.47 13.09 5.31
N ALA A 264 -8.27 14.06 5.77
CA ALA A 264 -9.62 13.74 6.21
C ALA A 264 -10.44 13.15 5.07
N ASP A 265 -10.21 13.59 3.85
CA ASP A 265 -10.98 13.04 2.74
C ASP A 265 -10.62 11.58 2.51
N GLN A 266 -9.34 11.23 2.67
CA GLN A 266 -8.96 9.84 2.48
C GLN A 266 -9.63 8.93 3.50
N LEU A 267 -9.80 9.43 4.74
CA LEU A 267 -10.57 8.70 5.74
C LEU A 267 -12.04 8.56 5.31
N ARG A 268 -12.64 9.63 4.81
CA ARG A 268 -14.01 9.54 4.33
C ARG A 268 -14.13 8.51 3.22
N PHE A 269 -13.24 8.57 2.23
CA PHE A 269 -13.26 7.59 1.15
C PHE A 269 -13.11 6.19 1.70
N SER A 270 -12.30 6.03 2.74
CA SER A 270 -12.13 4.73 3.37
C SER A 270 -13.47 4.17 3.81
N TYR A 271 -14.25 4.98 4.55
CA TYR A 271 -15.61 4.60 4.89
C TYR A 271 -16.41 4.26 3.63
N LEU A 272 -16.42 5.17 2.65
CA LEU A 272 -17.16 4.91 1.42
C LEU A 272 -16.81 3.56 0.81
N ALA A 273 -15.52 3.22 0.83
CA ALA A 273 -15.08 1.99 0.18
C ALA A 273 -15.47 0.76 0.99
N VAL A 274 -15.35 0.82 2.31
CA VAL A 274 -15.73 -0.32 3.13
C VAL A 274 -17.24 -0.54 3.06
N ILE A 275 -18.01 0.54 3.09
CA ILE A 275 -19.46 0.42 2.99
C ILE A 275 -19.85 -0.26 1.68
N GLU A 276 -19.36 0.29 0.56
CA GLU A 276 -19.64 -0.31 -0.73
C GLU A 276 -19.13 -1.74 -0.81
N GLY A 277 -17.95 -2.01 -0.25
CA GLY A 277 -17.38 -3.35 -0.32
C GLY A 277 -18.16 -4.39 0.46
N ALA A 278 -18.91 -3.97 1.49
CA ALA A 278 -19.69 -4.92 2.26
C ALA A 278 -20.75 -5.63 1.41
N LYS A 279 -21.23 -4.98 0.34
CA LYS A 279 -22.18 -5.65 -0.55
C LYS A 279 -21.64 -7.01 -1.00
N PHE A 280 -20.34 -7.07 -1.32
CA PHE A 280 -19.73 -8.33 -1.72
C PHE A 280 -19.60 -9.28 -0.55
N ILE A 281 -19.20 -8.76 0.61
CA ILE A 281 -19.01 -9.61 1.77
C ILE A 281 -20.33 -10.21 2.24
N MET A 282 -21.41 -9.44 2.15
CA MET A 282 -22.70 -9.91 2.62
C MET A 282 -23.28 -11.03 1.76
N GLY A 283 -22.73 -11.26 0.57
CA GLY A 283 -23.26 -12.31 -0.28
C GLY A 283 -23.51 -11.91 -1.72
N ASP A 284 -23.59 -10.61 -1.99
CA ASP A 284 -23.83 -10.12 -3.36
C ASP A 284 -22.55 -10.23 -4.19
N SER A 285 -22.12 -11.49 -4.36
CA SER A 285 -20.85 -11.74 -5.05
C SER A 285 -20.77 -11.09 -6.42
N SER A 286 -21.92 -10.72 -7.02
CA SER A 286 -21.95 -10.21 -8.39
C SER A 286 -21.76 -8.70 -8.49
N VAL A 287 -21.76 -7.98 -7.36
CA VAL A 287 -21.41 -6.57 -7.40
C VAL A 287 -19.99 -6.39 -7.94
N GLN A 288 -19.16 -7.43 -7.87
CA GLN A 288 -17.81 -7.34 -8.38
C GLN A 288 -17.81 -6.97 -9.86
N ASP A 289 -18.61 -7.67 -10.67
CA ASP A 289 -18.72 -7.34 -12.09
C ASP A 289 -19.23 -5.92 -12.29
N GLN A 290 -20.12 -5.47 -11.41
CA GLN A 290 -20.59 -4.08 -11.48
C GLN A 290 -19.42 -3.11 -11.34
N TRP A 291 -18.52 -3.37 -10.38
CA TRP A 291 -17.38 -2.49 -10.19
C TRP A 291 -16.51 -2.42 -11.44
N LYS A 292 -16.27 -3.56 -12.08
CA LYS A 292 -15.41 -3.55 -13.27
C LYS A 292 -16.00 -2.67 -14.36
N GLU A 293 -17.29 -2.86 -14.68
CA GLU A 293 -17.92 -2.03 -15.68
C GLU A 293 -17.94 -0.56 -15.27
N LEU A 294 -18.22 -0.29 -13.99
CA LEU A 294 -18.21 1.10 -13.53
C LEU A 294 -16.82 1.71 -13.61
N SER A 295 -15.77 0.89 -13.54
CA SER A 295 -14.41 1.43 -13.45
C SER A 295 -13.86 1.86 -14.81
N HIS A 296 -14.50 1.48 -15.91
CA HIS A 296 -14.07 1.89 -17.24
C HIS A 296 -12.64 1.45 -17.53
N GLU A 297 -12.25 0.28 -17.02
CA GLU A 297 -10.86 -0.11 -17.14
C GLU A 297 -10.48 -0.39 -18.58
N ASP A 298 -11.45 -0.61 -19.46
CA ASP A 298 -11.19 -0.88 -20.87
C ASP A 298 -11.02 0.42 -21.64
N LEU A 299 -10.01 0.44 -22.51
CA LEU A 299 -9.67 1.64 -23.29
C LEU A 299 -9.63 2.89 -22.42
N HIS B 5 9.20 21.03 0.93
CA HIS B 5 10.52 20.69 0.40
C HIS B 5 10.76 19.18 0.47
N GLU B 6 11.62 18.76 1.40
CA GLU B 6 11.79 17.36 1.75
C GLU B 6 11.15 17.06 3.12
N TYR B 7 10.12 17.81 3.46
CA TYR B 7 9.25 17.50 4.57
C TYR B 7 7.90 17.08 4.02
N TYR B 8 7.36 16.01 4.59
CA TYR B 8 6.03 15.56 4.21
C TYR B 8 4.95 16.53 4.68
N ARG B 9 5.23 17.33 5.72
CA ARG B 9 4.27 18.28 6.30
C ARG B 9 2.99 17.57 6.72
P PO4 C . -0.37 10.41 -0.07
O1 PO4 C . -0.31 9.13 -0.83
O2 PO4 C . -1.80 10.73 0.26
O3 PO4 C . 0.45 10.22 1.18
O4 PO4 C . 0.25 11.55 -0.84
C TRS D . 8.50 -3.04 -27.36
C1 TRS D . 6.97 -2.92 -27.34
C2 TRS D . 8.94 -3.66 -28.70
C3 TRS D . 9.15 -1.64 -27.30
N TRS D . 8.96 -3.81 -26.08
O1 TRS D . 6.67 -2.32 -26.09
O2 TRS D . 10.09 -4.47 -28.47
O3 TRS D . 10.54 -1.81 -27.09
H11 TRS D . 6.50 -3.89 -27.43
H12 TRS D . 6.62 -2.29 -28.15
H21 TRS D . 9.17 -2.88 -29.43
H22 TRS D . 8.13 -4.28 -29.11
H31 TRS D . 8.72 -1.06 -26.50
H32 TRS D . 8.97 -1.10 -28.24
HN1 TRS D . 8.71 -3.46 -25.17
HN2 TRS D . 9.94 -3.97 -25.91
HN3 TRS D . 8.65 -4.77 -25.94
HO1 TRS D . 5.77 -1.94 -26.12
HO2 TRS D . 10.37 -4.88 -29.32
HO3 TRS D . 10.69 -2.29 -26.25
C TRS E . -2.11 8.51 23.30
C1 TRS E . -3.13 9.53 22.73
C2 TRS E . -1.28 8.03 22.11
C3 TRS E . -1.20 9.22 24.34
N TRS E . -2.82 7.31 23.98
O1 TRS E . -4.12 9.86 23.68
O2 TRS E . -0.90 6.70 22.38
O3 TRS E . 0.13 8.71 24.37
H11 TRS E . -3.60 9.10 21.85
H12 TRS E . -2.61 10.43 22.43
H21 TRS E . -0.40 8.66 21.98
H22 TRS E . -1.87 8.08 21.20
H31 TRS E . -1.64 9.12 25.33
H32 TRS E . -1.16 10.28 24.11
HN1 TRS E . -3.46 7.46 24.76
HN2 TRS E . -2.26 6.58 24.43
HN3 TRS E . -3.42 6.70 23.45
HO1 TRS E . -4.75 10.49 23.28
HO2 TRS E . -0.44 6.33 21.61
HO3 TRS E . 0.10 7.73 24.40
#